data_5DYN
#
_entry.id   5DYN
#
_cell.length_a   124.320
_cell.length_b   48.900
_cell.length_c   60.880
_cell.angle_alpha   90.00
_cell.angle_beta   90.00
_cell.angle_gamma   90.00
#
_symmetry.space_group_name_H-M   'P 21 21 2'
#
loop_
_entity.id
_entity.type
_entity.pdbx_description
1 polymer 'Putative peptidase'
2 polymer 'Putative peptidase'
3 non-polymer 'SODIUM ION'
4 non-polymer 'CHLORIDE ION'
5 water water
#
loop_
_entity_poly.entity_id
_entity_poly.type
_entity_poly.pdbx_seq_one_letter_code
_entity_poly.pdbx_strand_id
1 'polypeptide(L)'
;MAQQDGPTPEPSVGSRTVLVYMIAQNSLAPLASADIEEMKEGMRQVDATSGNLLVYIDDYSAPRLIRLGKDKKGKVVEET
IENYPEQNSADANVMKKVISTAFNQYKAEKYGMVFWSHGEGWIPSPAKTR
;
A
2 'polypeptide(L)'
;WFGQDGNNYMDIADLHAALQVAPDLDFLFFDACFMEAVEVAYALRDCGSYLISSPTEIPGPGAPYQTVVPAMFSAENAAL
KIASCYYDYYQSRYDDGIGMSNEDWTGGVSVGVAKMSELENLAVATSKVLPRYITGKQNFDLSGVMCYDRRTDKQYYYDL
DRFIYQITAGNGDYDSWREAFDKVMVYWKSTPRNYSAYAGMFTMNQDAKGLSTYIPRMSAPSLNTSYQQTEWYKVSGWAD
TGWYKNHHHHHH
;
B
#
# COMPACT_ATOMS: atom_id res chain seq x y z
N VAL A 13 10.25 24.21 13.24
CA VAL A 13 8.81 24.42 13.29
C VAL A 13 8.10 23.14 13.74
N GLY A 14 8.68 21.99 13.42
CA GLY A 14 8.14 20.71 13.84
C GLY A 14 6.79 20.33 13.25
N SER A 15 6.29 21.18 12.36
CA SER A 15 4.97 21.00 11.77
C SER A 15 4.92 19.86 10.75
N ARG A 16 3.75 19.24 10.60
CA ARG A 16 3.56 18.21 9.59
C ARG A 16 2.17 18.27 8.97
N THR A 17 2.09 18.02 7.66
CA THR A 17 0.82 17.98 6.95
C THR A 17 0.58 16.60 6.36
N VAL A 18 -0.57 16.01 6.67
CA VAL A 18 -0.93 14.70 6.13
C VAL A 18 -2.27 14.77 5.38
N LEU A 19 -2.25 14.37 4.12
CA LEU A 19 -3.47 14.30 3.32
C LEU A 19 -3.96 12.86 3.25
N VAL A 20 -5.20 12.63 3.70
CA VAL A 20 -5.80 11.32 3.58
C VAL A 20 -6.74 11.29 2.37
N TYR A 21 -6.35 10.51 1.36
CA TYR A 21 -7.08 10.48 0.10
C TYR A 21 -8.02 9.27 0.05
N MET A 22 -9.32 9.52 0.18
CA MET A 22 -10.30 8.45 0.24
C MET A 22 -11.11 8.28 -1.03
N ILE A 23 -10.73 7.31 -1.85
CA ILE A 23 -11.55 6.91 -2.99
C ILE A 23 -12.59 5.93 -2.47
N ALA A 24 -13.70 6.45 -1.97
CA ALA A 24 -14.68 5.64 -1.25
C ALA A 24 -15.96 5.41 -2.04
N GLN A 25 -15.97 5.79 -3.32
CA GLN A 25 -17.15 5.60 -4.16
C GLN A 25 -17.19 4.15 -4.64
N ASN A 26 -17.38 3.25 -3.69
CA ASN A 26 -17.34 1.82 -3.95
C ASN A 26 -17.98 1.06 -2.81
N SER A 27 -17.65 -0.22 -2.69
CA SER A 27 -18.22 -1.07 -1.67
C SER A 27 -17.78 -0.66 -0.26
N LEU A 28 -16.75 0.17 -0.17
CA LEU A 28 -16.20 0.57 1.13
C LEU A 28 -16.84 1.84 1.66
N ALA A 29 -17.75 2.42 0.88
CA ALA A 29 -18.45 3.64 1.28
C ALA A 29 -19.07 3.58 2.68
N PRO A 30 -19.77 2.47 3.02
CA PRO A 30 -20.34 2.43 4.38
C PRO A 30 -19.30 2.44 5.49
N LEU A 31 -18.05 2.12 5.15
CA LEU A 31 -16.98 2.04 6.15
C LEU A 31 -16.19 3.34 6.28
N ALA A 32 -16.40 4.27 5.36
CA ALA A 32 -15.64 5.51 5.31
C ALA A 32 -15.91 6.40 6.52
N SER A 33 -17.17 6.42 6.95
CA SER A 33 -17.59 7.27 8.05
C SER A 33 -16.87 6.95 9.36
N ALA A 34 -16.80 5.66 9.69
CA ALA A 34 -16.17 5.21 10.93
C ALA A 34 -14.72 5.67 11.02
N ASP A 35 -13.97 5.45 9.94
CA ASP A 35 -12.57 5.85 9.88
C ASP A 35 -12.39 7.36 10.08
N ILE A 36 -13.20 8.16 9.39
CA ILE A 36 -13.13 9.60 9.54
C ILE A 36 -13.42 10.01 10.99
N GLU A 37 -14.38 9.34 11.62
CA GLU A 37 -14.68 9.61 13.01
C GLU A 37 -13.52 9.18 13.90
N GLU A 38 -12.90 8.06 13.56
CA GLU A 38 -11.71 7.59 14.27
C GLU A 38 -10.57 8.59 14.12
N MET A 39 -10.53 9.28 12.98
CA MET A 39 -9.50 10.29 12.75
C MET A 39 -9.70 11.49 13.67
N LYS A 40 -10.94 11.93 13.81
CA LYS A 40 -11.27 13.03 14.73
C LYS A 40 -10.84 12.68 16.14
N GLU A 41 -11.21 11.47 16.56
CA GLU A 41 -10.85 10.96 17.88
C GLU A 41 -9.34 10.92 18.08
N GLY A 42 -8.63 10.45 17.06
CA GLY A 42 -7.18 10.39 17.12
C GLY A 42 -6.55 11.77 17.06
N MET A 43 -7.24 12.68 16.39
CA MET A 43 -6.78 14.06 16.24
C MET A 43 -6.78 14.79 17.58
N ARG A 44 -7.53 14.25 18.54
CA ARG A 44 -7.65 14.86 19.86
C ARG A 44 -6.30 14.90 20.59
N GLN A 45 -5.56 13.79 20.53
CA GLN A 45 -4.25 13.75 21.17
C GLN A 45 -3.16 14.17 20.17
N VAL A 46 -3.50 15.10 19.30
CA VAL A 46 -2.57 15.66 18.32
C VAL A 46 -2.55 17.18 18.38
N ASP A 47 -1.36 17.77 18.41
CA ASP A 47 -1.19 19.22 18.45
C ASP A 47 -1.67 19.86 17.14
N ALA A 48 -2.90 20.36 17.15
CA ALA A 48 -3.55 20.83 15.93
C ALA A 48 -3.08 22.21 15.45
N THR A 49 -2.05 22.75 16.10
CA THR A 49 -1.52 24.04 15.67
C THR A 49 -0.41 23.84 14.65
N SER A 50 0.33 22.74 14.78
CA SER A 50 1.45 22.45 13.88
C SER A 50 1.13 21.27 12.97
N GLY A 51 0.26 20.37 13.43
CA GLY A 51 -0.14 19.22 12.64
C GLY A 51 -1.40 19.50 11.83
N ASN A 52 -1.33 19.23 10.53
CA ASN A 52 -2.46 19.45 9.64
C ASN A 52 -2.97 18.15 9.03
N LEU A 53 -4.10 17.66 9.52
CA LEU A 53 -4.74 16.49 8.93
C LEU A 53 -5.81 16.90 7.93
N LEU A 54 -5.49 16.79 6.65
CA LEU A 54 -6.45 17.09 5.61
C LEU A 54 -7.08 15.79 5.11
N VAL A 55 -8.36 15.85 4.76
CA VAL A 55 -9.07 14.67 4.33
C VAL A 55 -9.83 14.94 3.04
N TYR A 56 -9.50 14.19 2.01
CA TYR A 56 -10.30 14.18 0.80
C TYR A 56 -11.19 12.94 0.83
N ILE A 57 -12.50 13.15 0.82
CA ILE A 57 -13.44 12.04 0.88
C ILE A 57 -14.44 12.10 -0.27
N ASP A 58 -14.46 11.04 -1.07
CA ASP A 58 -15.39 10.91 -2.18
C ASP A 58 -16.20 9.64 -2.03
N ASP A 59 -17.31 9.73 -1.29
CA ASP A 59 -18.15 8.56 -1.05
C ASP A 59 -19.33 8.52 -2.01
N TYR A 60 -20.54 8.36 -1.49
CA TYR A 60 -21.72 8.32 -2.34
C TYR A 60 -22.34 9.70 -2.50
N SER A 61 -21.64 10.72 -2.02
CA SER A 61 -22.05 12.10 -2.25
C SER A 61 -20.85 12.91 -2.76
N ALA A 62 -21.08 14.19 -3.05
CA ALA A 62 -20.08 15.05 -3.67
C ALA A 62 -18.75 15.05 -2.92
N PRO A 63 -17.63 14.99 -3.66
CA PRO A 63 -16.29 15.02 -3.08
C PRO A 63 -16.07 16.28 -2.25
N ARG A 64 -15.19 16.21 -1.26
CA ARG A 64 -14.91 17.35 -0.42
C ARG A 64 -13.55 17.24 0.26
N LEU A 65 -12.81 18.34 0.24
CA LEU A 65 -11.54 18.40 0.96
C LEU A 65 -11.72 19.17 2.26
N ILE A 66 -11.48 18.50 3.37
CA ILE A 66 -11.67 19.10 4.68
C ILE A 66 -10.40 19.04 5.51
N ARG A 67 -10.43 19.72 6.65
CA ARG A 67 -9.32 19.71 7.60
C ARG A 67 -9.86 19.44 8.99
N LEU A 68 -9.26 18.47 9.68
CA LEU A 68 -9.72 18.12 11.01
C LEU A 68 -8.97 18.91 12.08
N GLY A 69 -9.30 20.19 12.18
CA GLY A 69 -8.68 21.04 13.19
C GLY A 69 -9.47 21.04 14.47
N LYS A 70 -9.01 21.82 15.45
CA LYS A 70 -9.71 21.94 16.73
C LYS A 70 -10.27 23.34 16.88
N ASP A 71 -11.46 23.46 17.46
CA ASP A 71 -11.99 24.78 17.75
C ASP A 71 -11.24 25.37 18.94
N LYS A 72 -11.55 26.61 19.30
CA LYS A 72 -10.80 27.32 20.32
C LYS A 72 -11.05 26.71 21.71
N LYS A 73 -11.98 25.76 21.78
CA LYS A 73 -12.26 25.02 23.01
C LYS A 73 -11.56 23.67 23.03
N GLY A 74 -10.95 23.30 21.91
CA GLY A 74 -10.20 22.06 21.81
C GLY A 74 -10.97 20.91 21.17
N LYS A 75 -12.25 21.14 20.89
CA LYS A 75 -13.08 20.14 20.24
C LYS A 75 -12.68 19.99 18.78
N VAL A 76 -12.51 18.75 18.32
CA VAL A 76 -12.15 18.50 16.94
C VAL A 76 -13.31 18.85 16.02
N VAL A 77 -13.04 19.68 15.01
CA VAL A 77 -14.07 20.13 14.08
C VAL A 77 -13.64 20.01 12.62
N GLU A 78 -14.61 19.74 11.74
CA GLU A 78 -14.35 19.68 10.31
C GLU A 78 -14.29 21.08 9.71
N GLU A 79 -13.23 21.35 8.94
CA GLU A 79 -13.09 22.62 8.26
C GLU A 79 -13.06 22.43 6.75
N THR A 80 -14.06 22.96 6.06
CA THR A 80 -14.13 22.82 4.61
C THR A 80 -13.07 23.65 3.91
N ILE A 81 -12.20 22.99 3.16
CA ILE A 81 -11.16 23.66 2.39
C ILE A 81 -11.63 23.89 0.96
N GLU A 82 -12.26 22.88 0.37
CA GLU A 82 -12.85 23.00 -0.95
C GLU A 82 -13.90 21.93 -1.19
N ASN A 83 -15.00 22.32 -1.83
CA ASN A 83 -16.00 21.37 -2.29
C ASN A 83 -15.82 21.13 -3.79
N TYR A 84 -16.10 19.91 -4.23
CA TYR A 84 -15.90 19.57 -5.62
C TYR A 84 -17.19 19.08 -6.27
N PRO A 85 -17.33 19.28 -7.58
CA PRO A 85 -18.39 18.61 -8.32
C PRO A 85 -18.12 17.12 -8.36
N GLU A 86 -19.10 16.31 -8.73
CA GLU A 86 -18.87 14.88 -8.82
C GLU A 86 -17.81 14.61 -9.88
N GLN A 87 -16.90 13.69 -9.57
CA GLN A 87 -15.73 13.48 -10.40
C GLN A 87 -15.09 12.12 -10.12
N ASN A 88 -14.30 11.64 -11.07
CA ASN A 88 -13.52 10.44 -10.86
C ASN A 88 -12.29 10.74 -10.02
N SER A 89 -12.33 10.35 -8.75
CA SER A 89 -11.22 10.61 -7.84
C SER A 89 -10.04 9.67 -8.10
N ALA A 90 -10.24 8.71 -8.99
CA ALA A 90 -9.18 7.79 -9.39
C ALA A 90 -8.47 8.31 -10.63
N ASP A 91 -8.81 9.54 -11.02
CA ASP A 91 -8.14 10.20 -12.14
C ASP A 91 -6.95 10.99 -11.65
N ALA A 92 -5.85 10.94 -12.38
CA ALA A 92 -4.58 11.54 -11.95
C ALA A 92 -4.68 13.04 -11.80
N ASN A 93 -5.29 13.72 -12.77
CA ASN A 93 -5.37 15.16 -12.73
C ASN A 93 -6.29 15.65 -11.62
N VAL A 94 -7.31 14.86 -11.30
CA VAL A 94 -8.17 15.16 -10.16
C VAL A 94 -7.37 15.04 -8.87
N MET A 95 -6.60 13.96 -8.76
CA MET A 95 -5.74 13.76 -7.59
C MET A 95 -4.69 14.86 -7.49
N LYS A 96 -4.13 15.25 -8.62
CA LYS A 96 -3.16 16.33 -8.69
C LYS A 96 -3.72 17.62 -8.10
N LYS A 97 -4.93 17.98 -8.54
CA LYS A 97 -5.59 19.20 -8.06
C LYS A 97 -5.78 19.18 -6.54
N VAL A 98 -6.22 18.03 -6.02
CA VAL A 98 -6.45 17.89 -4.58
C VAL A 98 -5.14 17.93 -3.82
N ILE A 99 -4.13 17.21 -4.32
CA ILE A 99 -2.80 17.23 -3.71
C ILE A 99 -2.23 18.64 -3.67
N SER A 100 -2.31 19.35 -4.80
CA SER A 100 -1.83 20.72 -4.91
C SER A 100 -2.51 21.63 -3.90
N THR A 101 -3.84 21.59 -3.87
CA THR A 101 -4.61 22.40 -2.93
C THR A 101 -4.22 22.09 -1.49
N ALA A 102 -4.12 20.79 -1.19
CA ALA A 102 -3.86 20.34 0.17
C ALA A 102 -2.53 20.83 0.73
N PHE A 103 -1.46 20.62 -0.01
CA PHE A 103 -0.12 20.88 0.51
C PHE A 103 0.34 22.32 0.32
N ASN A 104 -0.11 22.97 -0.76
CA ASN A 104 0.25 24.37 -0.98
C ASN A 104 -0.43 25.28 0.03
N GLN A 105 -1.61 24.90 0.49
CA GLN A 105 -2.31 25.68 1.51
C GLN A 105 -1.74 25.40 2.89
N TYR A 106 -1.14 24.22 3.07
CA TYR A 106 -0.63 23.83 4.38
C TYR A 106 0.78 23.28 4.31
N LYS A 107 1.72 24.15 3.92
CA LYS A 107 3.14 23.79 3.96
C LYS A 107 3.55 23.45 5.38
N ALA A 108 4.46 22.49 5.51
CA ALA A 108 4.95 22.09 6.83
C ALA A 108 6.40 21.61 6.75
N GLU A 109 6.94 21.23 7.90
CA GLU A 109 8.29 20.70 7.97
C GLU A 109 8.34 19.30 7.34
N LYS A 110 7.34 18.49 7.66
CA LYS A 110 7.25 17.15 7.11
C LYS A 110 5.89 16.90 6.44
N TYR A 111 5.84 15.88 5.60
CA TYR A 111 4.60 15.54 4.89
C TYR A 111 4.35 14.04 4.92
N GLY A 112 3.10 13.67 4.66
CA GLY A 112 2.72 12.28 4.54
C GLY A 112 1.43 12.19 3.76
N MET A 113 1.17 11.03 3.17
CA MET A 113 -0.10 10.84 2.48
C MET A 113 -0.66 9.45 2.74
N VAL A 114 -1.97 9.40 2.96
CA VAL A 114 -2.69 8.15 3.18
C VAL A 114 -3.56 7.82 1.98
N PHE A 115 -3.52 6.57 1.55
CA PHE A 115 -4.29 6.15 0.39
C PHE A 115 -5.37 5.16 0.80
N TRP A 116 -6.62 5.61 0.70
CA TRP A 116 -7.77 4.92 1.27
C TRP A 116 -8.73 4.48 0.18
N SER A 117 -8.70 3.19 -0.17
CA SER A 117 -9.60 2.63 -1.17
C SER A 117 -9.41 1.12 -1.32
N HIS A 118 -9.95 0.57 -2.40
CA HIS A 118 -9.64 -0.81 -2.80
C HIS A 118 -8.26 -0.84 -3.44
N GLY A 119 -7.60 -1.98 -3.36
CA GLY A 119 -6.25 -2.11 -3.88
C GLY A 119 -6.02 -3.41 -4.62
N GLU A 120 -5.13 -3.36 -5.60
CA GLU A 120 -4.82 -4.52 -6.42
C GLU A 120 -3.41 -4.36 -7.01
N GLY A 121 -2.46 -4.07 -6.12
CA GLY A 121 -1.05 -3.98 -6.48
C GLY A 121 -0.75 -3.22 -7.77
N TRP A 122 0.10 -3.82 -8.60
CA TRP A 122 0.52 -3.22 -9.86
C TRP A 122 -0.48 -3.46 -10.99
N ILE A 123 -1.37 -4.44 -10.78
CA ILE A 123 -2.31 -4.90 -11.79
C ILE A 123 -2.98 -3.77 -12.58
N PRO A 124 -2.98 -3.87 -13.92
CA PRO A 124 -3.64 -2.86 -14.76
C PRO A 124 -5.12 -2.72 -14.45
N SER A 125 -5.70 -1.58 -14.79
CA SER A 125 -7.13 -1.37 -14.62
C SER A 125 -7.92 -2.40 -15.41
N PRO A 126 -8.97 -2.97 -14.81
CA PRO A 126 -9.84 -3.94 -15.48
C PRO A 126 -10.68 -3.31 -16.59
N ALA A 127 -10.76 -1.99 -16.61
CA ALA A 127 -11.49 -1.26 -17.66
C ALA A 127 -10.58 -0.24 -18.35
N LYS A 128 -10.36 -0.43 -19.65
CA LYS A 128 -9.54 0.47 -20.44
C LYS A 128 -10.23 0.93 -21.71
N THR A 129 -9.88 2.12 -22.18
CA THR A 129 -10.32 2.58 -23.49
C THR A 129 -9.11 2.65 -24.43
N ARG A 130 -9.38 2.77 -25.72
CA ARG A 130 -8.37 2.47 -26.72
C ARG A 130 -8.19 3.57 -27.78
N TRP B 1 -3.47 -2.03 -9.80
CA TRP B 1 -4.07 -0.70 -9.71
C TRP B 1 -4.35 -0.30 -8.27
N PHE B 2 -4.73 0.95 -8.07
CA PHE B 2 -5.21 1.40 -6.78
C PHE B 2 -6.43 2.30 -6.93
N GLY B 3 -7.38 2.16 -6.01
CA GLY B 3 -8.55 3.01 -5.99
C GLY B 3 -9.62 2.60 -6.97
N GLN B 4 -10.85 2.54 -6.49
CA GLN B 4 -12.00 2.30 -7.34
C GLN B 4 -13.03 3.39 -7.16
N ASP B 5 -13.23 4.17 -8.21
CA ASP B 5 -14.27 5.20 -8.21
C ASP B 5 -15.33 4.80 -9.22
N GLY B 6 -16.35 4.09 -8.75
CA GLY B 6 -17.38 3.57 -9.64
C GLY B 6 -16.80 2.47 -10.51
N ASN B 7 -16.57 2.78 -11.78
CA ASN B 7 -15.97 1.82 -12.70
C ASN B 7 -14.58 2.27 -13.17
N ASN B 8 -13.96 3.13 -12.39
CA ASN B 8 -12.62 3.62 -12.72
C ASN B 8 -11.59 3.19 -11.70
N TYR B 9 -10.40 2.84 -12.17
CA TYR B 9 -9.33 2.34 -11.34
C TYR B 9 -8.04 3.03 -11.77
N MET B 10 -7.28 3.54 -10.81
CA MET B 10 -6.07 4.28 -11.15
C MET B 10 -4.88 3.35 -11.32
N ASP B 11 -4.32 3.35 -12.53
CA ASP B 11 -3.10 2.59 -12.78
CA ASP B 11 -3.09 2.62 -12.81
C ASP B 11 -1.96 3.19 -11.97
N ILE B 12 -1.02 2.36 -11.58
CA ILE B 12 0.11 2.80 -10.76
C ILE B 12 0.91 3.90 -11.46
N ALA B 13 1.06 3.78 -12.78
CA ALA B 13 1.78 4.79 -13.55
C ALA B 13 1.10 6.15 -13.44
N ASP B 14 -0.23 6.16 -13.55
CA ASP B 14 -1.01 7.37 -13.39
C ASP B 14 -0.92 7.91 -11.96
N LEU B 15 -0.90 7.01 -10.98
CA LEU B 15 -0.75 7.41 -9.58
C LEU B 15 0.59 8.11 -9.37
N HIS B 16 1.65 7.52 -9.92
CA HIS B 16 2.98 8.10 -9.85
C HIS B 16 3.03 9.48 -10.49
N ALA B 17 2.40 9.61 -11.67
CA ALA B 17 2.33 10.88 -12.37
C ALA B 17 1.65 11.94 -11.49
N ALA B 18 0.61 11.52 -10.78
CA ALA B 18 -0.14 12.42 -9.91
C ALA B 18 0.67 12.87 -8.71
N LEU B 19 1.45 11.98 -8.14
CA LEU B 19 2.22 12.28 -6.93
C LEU B 19 3.42 13.17 -7.20
N GLN B 20 3.62 13.56 -8.46
CA GLN B 20 4.73 14.42 -8.82
C GLN B 20 4.51 15.86 -8.35
N VAL B 21 3.25 16.27 -8.22
CA VAL B 21 2.94 17.60 -7.72
C VAL B 21 2.97 17.60 -6.19
N ALA B 22 3.05 16.42 -5.61
CA ALA B 22 3.18 16.29 -4.17
C ALA B 22 4.59 16.62 -3.72
N PRO B 23 4.74 17.20 -2.52
CA PRO B 23 6.07 17.34 -1.95
C PRO B 23 6.62 15.96 -1.59
N ASP B 24 7.92 15.85 -1.33
CA ASP B 24 8.46 14.55 -0.97
C ASP B 24 7.83 14.11 0.36
N LEU B 25 7.30 12.90 0.37
CA LEU B 25 6.55 12.41 1.52
C LEU B 25 7.41 11.59 2.46
N ASP B 26 7.16 11.70 3.76
CA ASP B 26 7.83 10.86 4.74
C ASP B 26 7.37 9.42 4.55
N PHE B 27 6.07 9.26 4.34
CA PHE B 27 5.48 7.93 4.18
C PHE B 27 4.36 7.93 3.17
N LEU B 28 4.20 6.81 2.47
CA LEU B 28 3.03 6.58 1.63
C LEU B 28 2.24 5.43 2.22
N PHE B 29 1.24 5.76 3.03
CA PHE B 29 0.45 4.75 3.71
C PHE B 29 -0.75 4.33 2.85
N PHE B 30 -0.70 3.11 2.36
CA PHE B 30 -1.81 2.53 1.59
C PHE B 30 -2.70 1.67 2.48
N ASP B 31 -3.75 2.29 3.03
CA ASP B 31 -4.78 1.53 3.73
C ASP B 31 -5.66 0.86 2.68
N ALA B 32 -5.07 -0.09 1.97
CA ALA B 32 -5.73 -0.75 0.83
C ALA B 32 -5.08 -2.10 0.56
N CYS B 33 -5.79 -2.97 -0.16
CA CYS B 33 -5.34 -4.33 -0.38
C CYS B 33 -4.12 -4.44 -1.29
N PHE B 34 -3.24 -5.39 -0.97
CA PHE B 34 -2.22 -5.88 -1.89
C PHE B 34 -1.18 -4.85 -2.33
N MET B 35 -1.09 -3.72 -1.64
CA MET B 35 -0.27 -2.61 -2.13
C MET B 35 1.21 -2.71 -1.72
N GLU B 36 1.53 -3.61 -0.79
CA GLU B 36 2.93 -3.77 -0.41
C GLU B 36 3.62 -4.70 -1.38
N ALA B 37 3.74 -4.24 -2.62
CA ALA B 37 4.36 -5.01 -3.69
C ALA B 37 5.65 -4.33 -4.15
N VAL B 38 6.63 -5.13 -4.54
CA VAL B 38 7.92 -4.58 -4.98
C VAL B 38 7.73 -3.68 -6.20
N GLU B 39 6.73 -4.01 -7.03
CA GLU B 39 6.47 -3.24 -8.24
C GLU B 39 5.85 -1.88 -7.93
N VAL B 40 5.07 -1.82 -6.86
CA VAL B 40 4.47 -0.56 -6.44
C VAL B 40 5.52 0.27 -5.70
N ALA B 41 6.29 -0.40 -4.84
CA ALA B 41 7.37 0.23 -4.11
C ALA B 41 8.38 0.88 -5.07
N TYR B 42 8.76 0.14 -6.10
CA TYR B 42 9.73 0.66 -7.06
C TYR B 42 9.14 1.80 -7.88
N ALA B 43 7.90 1.63 -8.32
CA ALA B 43 7.26 2.66 -9.14
C ALA B 43 7.09 3.98 -8.39
N LEU B 44 6.99 3.90 -7.07
CA LEU B 44 6.76 5.10 -6.26
C LEU B 44 7.95 5.46 -5.38
N ARG B 45 9.12 4.92 -5.71
CA ARG B 45 10.31 5.11 -4.88
C ARG B 45 10.73 6.57 -4.80
N ASP B 46 10.34 7.36 -5.80
CA ASP B 46 10.74 8.76 -5.89
C ASP B 46 9.69 9.69 -5.28
N CYS B 47 8.63 9.12 -4.72
CA CYS B 47 7.54 9.91 -4.17
C CYS B 47 7.64 10.07 -2.66
N GLY B 48 8.39 9.19 -2.03
CA GLY B 48 8.50 9.23 -0.59
C GLY B 48 9.61 8.35 -0.05
N SER B 49 9.66 8.23 1.26
CA SER B 49 10.71 7.46 1.92
C SER B 49 10.25 6.04 2.26
N TYR B 50 9.03 5.90 2.77
CA TYR B 50 8.54 4.60 3.21
C TYR B 50 7.17 4.23 2.65
N LEU B 51 7.03 2.97 2.24
CA LEU B 51 5.77 2.43 1.77
C LEU B 51 5.13 1.56 2.84
N ILE B 52 3.90 1.90 3.23
CA ILE B 52 3.22 1.17 4.30
C ILE B 52 1.91 0.56 3.82
N SER B 53 1.83 -0.76 3.84
CA SER B 53 0.63 -1.48 3.44
C SER B 53 0.74 -2.96 3.78
N SER B 54 -0.17 -3.77 3.22
CA SER B 54 -0.08 -5.21 3.36
C SER B 54 0.18 -5.84 2.01
N PRO B 55 0.99 -6.90 1.97
CA PRO B 55 1.20 -7.64 0.72
C PRO B 55 -0.04 -8.44 0.35
N THR B 56 -0.90 -8.67 1.34
CA THR B 56 -2.14 -9.41 1.12
C THR B 56 -3.35 -8.50 1.39
N GLU B 57 -4.48 -9.09 1.76
CA GLU B 57 -5.70 -8.31 1.93
C GLU B 57 -5.73 -7.50 3.22
N ILE B 58 -6.26 -6.28 3.12
CA ILE B 58 -6.42 -5.38 4.25
C ILE B 58 -7.85 -5.51 4.82
N PRO B 59 -7.98 -5.60 6.15
CA PRO B 59 -9.29 -5.67 6.81
C PRO B 59 -10.19 -4.50 6.43
N GLY B 60 -11.48 -4.77 6.23
CA GLY B 60 -12.47 -3.75 5.93
C GLY B 60 -12.42 -2.50 6.80
N PRO B 61 -12.47 -2.67 8.13
CA PRO B 61 -12.38 -1.51 9.03
C PRO B 61 -11.05 -0.75 8.94
N GLY B 62 -10.07 -1.31 8.24
CA GLY B 62 -8.82 -0.64 7.97
C GLY B 62 -8.02 -0.25 9.20
N ALA B 63 -7.35 0.89 9.14
CA ALA B 63 -6.51 1.35 10.23
C ALA B 63 -7.33 1.80 11.43
N PRO B 64 -6.82 1.56 12.65
CA PRO B 64 -7.35 2.18 13.87
C PRO B 64 -6.90 3.63 13.93
N TYR B 65 -7.58 4.49 13.18
CA TYR B 65 -7.15 5.88 13.02
C TYR B 65 -7.19 6.68 14.32
N GLN B 66 -7.74 6.09 15.38
CA GLN B 66 -7.71 6.72 16.68
C GLN B 66 -6.28 6.67 17.24
N THR B 67 -5.51 5.68 16.81
CA THR B 67 -4.11 5.56 17.22
C THR B 67 -3.15 5.82 16.06
N VAL B 68 -3.61 5.56 14.83
CA VAL B 68 -2.77 5.75 13.66
C VAL B 68 -2.56 7.24 13.38
N VAL B 69 -3.61 8.04 13.57
CA VAL B 69 -3.49 9.47 13.35
C VAL B 69 -2.42 10.10 14.26
N PRO B 70 -2.42 9.79 15.58
CA PRO B 70 -1.29 10.29 16.38
C PRO B 70 0.06 9.76 15.90
N ALA B 71 0.09 8.50 15.47
CA ALA B 71 1.32 7.91 14.96
C ALA B 71 1.84 8.68 13.75
N MET B 72 0.91 9.18 12.94
CA MET B 72 1.28 9.92 11.73
C MET B 72 1.91 11.28 12.05
N PHE B 73 1.66 11.78 13.25
CA PHE B 73 2.18 13.09 13.63
C PHE B 73 3.27 12.98 14.70
N SER B 74 3.99 11.87 14.70
CA SER B 74 5.12 11.69 15.60
C SER B 74 6.28 12.57 15.15
N ALA B 75 7.20 12.83 16.07
CA ALA B 75 8.39 13.62 15.75
C ALA B 75 9.20 12.96 14.64
N GLU B 76 9.50 11.68 14.81
CA GLU B 76 10.16 10.89 13.78
C GLU B 76 9.71 9.44 13.93
N ASN B 77 10.06 8.60 12.95
CA ASN B 77 9.68 7.19 12.92
C ASN B 77 8.17 7.02 12.83
N ALA B 78 7.51 7.96 12.17
CA ALA B 78 6.08 7.90 11.98
C ALA B 78 5.68 6.62 11.25
N ALA B 79 6.44 6.30 10.20
CA ALA B 79 6.15 5.13 9.37
C ALA B 79 6.13 3.85 10.19
N LEU B 80 7.11 3.69 11.06
CA LEU B 80 7.18 2.52 11.94
C LEU B 80 6.03 2.54 12.96
N LYS B 81 5.76 3.73 13.49
CA LYS B 81 4.72 3.88 14.49
C LYS B 81 3.33 3.66 13.88
N ILE B 82 3.15 4.09 12.64
CA ILE B 82 1.91 3.82 11.91
C ILE B 82 1.68 2.31 11.77
N ALA B 83 2.72 1.61 11.34
CA ALA B 83 2.64 0.16 11.15
C ALA B 83 2.39 -0.59 12.46
N SER B 84 3.18 -0.25 13.49
CA SER B 84 3.06 -0.93 14.78
C SER B 84 1.68 -0.68 15.41
N CYS B 85 1.17 0.54 15.27
CA CYS B 85 -0.17 0.87 15.75
C CYS B 85 -1.22 0.01 15.06
N TYR B 86 -1.14 -0.02 13.72
CA TYR B 86 -2.04 -0.82 12.90
C TYR B 86 -2.01 -2.27 13.37
N TYR B 87 -0.81 -2.81 13.53
CA TYR B 87 -0.65 -4.22 13.89
C TYR B 87 -1.11 -4.52 15.32
N ASP B 88 -0.66 -3.72 16.28
CA ASP B 88 -0.95 -3.97 17.68
C ASP B 88 -2.45 -4.03 17.96
N TYR B 89 -3.20 -3.20 17.25
CA TYR B 89 -4.65 -3.15 17.42
C TYR B 89 -5.31 -4.47 17.07
N TYR B 90 -4.95 -5.02 15.90
CA TYR B 90 -5.58 -6.23 15.42
C TYR B 90 -5.01 -7.48 16.08
N GLN B 91 -3.79 -7.39 16.58
CA GLN B 91 -3.20 -8.55 17.25
C GLN B 91 -3.79 -8.71 18.65
N SER B 92 -4.19 -7.58 19.24
CA SER B 92 -4.79 -7.59 20.58
C SER B 92 -6.15 -8.25 20.54
N ARG B 93 -6.84 -8.12 19.42
CA ARG B 93 -8.19 -8.65 19.28
C ARG B 93 -8.19 -9.94 18.44
N TYR B 94 -7.00 -10.44 18.13
CA TYR B 94 -6.86 -11.64 17.32
C TYR B 94 -7.33 -12.88 18.06
N ASP B 95 -8.25 -13.61 17.44
CA ASP B 95 -8.75 -14.85 18.02
C ASP B 95 -8.91 -15.90 16.92
N ASP B 96 -7.95 -15.90 15.99
CA ASP B 96 -7.94 -16.81 14.84
C ASP B 96 -9.26 -16.79 14.07
N GLY B 97 -9.82 -15.58 13.92
CA GLY B 97 -11.01 -15.39 13.10
C GLY B 97 -12.32 -15.88 13.69
N ILE B 98 -12.30 -16.27 14.96
CA ILE B 98 -13.53 -16.71 15.61
C ILE B 98 -14.51 -15.55 15.78
N GLY B 99 -15.70 -15.70 15.21
CA GLY B 99 -16.72 -14.67 15.29
C GLY B 99 -16.38 -13.46 14.44
N MET B 100 -15.62 -13.68 13.37
CA MET B 100 -15.12 -12.62 12.50
C MET B 100 -16.22 -11.71 11.96
N SER B 101 -15.98 -10.40 12.05
CA SER B 101 -16.86 -9.40 11.44
C SER B 101 -16.14 -8.07 11.35
N ASN B 102 -16.71 -7.14 10.59
CA ASN B 102 -16.16 -5.79 10.49
C ASN B 102 -16.21 -5.08 11.83
N GLU B 103 -17.31 -5.29 12.56
CA GLU B 103 -17.51 -4.62 13.83
C GLU B 103 -16.70 -5.28 14.95
N ASP B 104 -16.22 -6.49 14.71
CA ASP B 104 -15.35 -7.18 15.65
C ASP B 104 -14.34 -8.04 14.89
N TRP B 105 -13.24 -7.43 14.49
CA TRP B 105 -12.25 -8.12 13.67
C TRP B 105 -11.30 -8.97 14.49
N THR B 106 -11.48 -10.28 14.42
CA THR B 106 -10.62 -11.22 15.14
C THR B 106 -9.69 -11.99 14.20
N GLY B 107 -9.70 -11.59 12.93
CA GLY B 107 -8.94 -12.29 11.91
C GLY B 107 -7.49 -11.87 11.81
N GLY B 108 -7.12 -10.86 12.59
CA GLY B 108 -5.74 -10.38 12.59
C GLY B 108 -5.41 -9.55 11.37
N VAL B 109 -4.10 -9.40 11.11
CA VAL B 109 -3.62 -8.52 10.06
C VAL B 109 -2.12 -8.74 9.81
N SER B 110 -1.62 -8.19 8.72
CA SER B 110 -0.19 -8.17 8.44
C SER B 110 0.20 -6.83 7.83
N VAL B 111 1.22 -6.19 8.40
CA VAL B 111 1.67 -4.88 7.92
C VAL B 111 3.18 -4.87 7.69
N GLY B 112 3.60 -4.28 6.57
CA GLY B 112 5.01 -4.14 6.28
C GLY B 112 5.38 -2.71 5.94
N VAL B 113 6.61 -2.32 6.22
CA VAL B 113 7.12 -1.02 5.80
C VAL B 113 8.39 -1.19 4.97
N ALA B 114 8.40 -0.59 3.79
CA ALA B 114 9.53 -0.72 2.88
C ALA B 114 10.27 0.59 2.73
N LYS B 115 11.60 0.53 2.81
CA LYS B 115 12.44 1.70 2.59
C LYS B 115 12.62 1.93 1.09
N MET B 116 12.01 3.00 0.58
CA MET B 116 11.97 3.27 -0.84
C MET B 116 13.35 3.50 -1.47
N SER B 117 14.25 4.10 -0.71
CA SER B 117 15.56 4.49 -1.23
C SER B 117 16.42 3.27 -1.58
N GLU B 118 16.04 2.12 -1.04
CA GLU B 118 16.79 0.88 -1.27
C GLU B 118 16.25 0.06 -2.43
N LEU B 119 15.19 0.55 -3.07
CA LEU B 119 14.53 -0.18 -4.14
C LEU B 119 15.39 -0.31 -5.39
N GLU B 120 16.21 0.69 -5.67
CA GLU B 120 17.10 0.65 -6.81
C GLU B 120 18.21 -0.39 -6.60
N ASN B 121 18.75 -0.44 -5.38
CA ASN B 121 19.75 -1.45 -5.06
CA ASN B 121 19.75 -1.45 -5.03
C ASN B 121 19.17 -2.85 -5.15
N LEU B 122 17.89 -2.98 -4.79
CA LEU B 122 17.21 -4.27 -4.84
C LEU B 122 17.03 -4.72 -6.29
N ALA B 123 16.67 -3.80 -7.16
CA ALA B 123 16.52 -4.08 -8.59
C ALA B 123 17.85 -4.57 -9.19
N VAL B 124 18.95 -3.95 -8.76
CA VAL B 124 20.27 -4.37 -9.19
C VAL B 124 20.54 -5.79 -8.71
N ALA B 125 20.32 -6.01 -7.42
CA ALA B 125 20.52 -7.32 -6.82
C ALA B 125 19.70 -8.40 -7.52
N THR B 126 18.45 -8.08 -7.82
CA THR B 126 17.54 -9.03 -8.44
C THR B 126 17.96 -9.35 -9.87
N SER B 127 18.50 -8.34 -10.58
CA SER B 127 18.95 -8.54 -11.95
C SER B 127 20.14 -9.48 -12.04
N LYS B 128 20.87 -9.63 -10.94
CA LYS B 128 21.99 -10.56 -10.89
C LYS B 128 21.51 -11.99 -10.71
N VAL B 129 20.26 -12.15 -10.31
CA VAL B 129 19.71 -13.47 -9.99
C VAL B 129 18.82 -14.03 -11.10
N LEU B 130 17.79 -13.26 -11.48
CA LEU B 130 16.72 -13.73 -12.35
C LEU B 130 17.16 -14.36 -13.69
N PRO B 131 18.01 -13.66 -14.48
CA PRO B 131 18.36 -14.29 -15.76
C PRO B 131 19.16 -15.57 -15.57
N ARG B 132 19.93 -15.60 -14.50
CA ARG B 132 20.85 -16.70 -14.20
C ARG B 132 20.12 -17.97 -13.75
N TYR B 133 18.97 -17.80 -13.10
CA TYR B 133 18.26 -18.93 -12.52
C TYR B 133 16.90 -19.18 -13.17
N ILE B 134 16.58 -18.36 -14.17
CA ILE B 134 15.34 -18.56 -14.94
C ILE B 134 15.70 -18.52 -16.42
N THR B 135 16.27 -19.61 -16.91
CA THR B 135 16.79 -19.68 -18.27
C THR B 135 15.75 -20.16 -19.27
N GLY B 136 14.72 -20.86 -18.77
CA GLY B 136 13.66 -21.37 -19.62
C GLY B 136 12.30 -20.80 -19.29
N LYS B 137 11.30 -21.14 -20.11
CA LYS B 137 9.93 -20.67 -19.91
C LYS B 137 9.03 -21.80 -19.46
N GLN B 138 8.69 -21.80 -18.18
CA GLN B 138 7.97 -22.90 -17.56
C GLN B 138 7.38 -22.50 -16.20
N ASN B 139 6.19 -23.00 -15.90
CA ASN B 139 5.60 -22.79 -14.58
C ASN B 139 6.54 -23.21 -13.46
N PHE B 140 6.59 -22.41 -12.41
CA PHE B 140 7.51 -22.65 -11.30
C PHE B 140 6.94 -23.64 -10.30
N ASP B 141 7.82 -24.30 -9.56
CA ASP B 141 7.43 -25.12 -8.42
C ASP B 141 7.36 -24.23 -7.18
N LEU B 142 6.17 -23.70 -6.90
CA LEU B 142 6.03 -22.63 -5.91
C LEU B 142 5.55 -23.11 -4.55
N SER B 143 5.64 -24.41 -4.29
CA SER B 143 5.28 -24.94 -2.98
C SER B 143 6.28 -24.42 -1.96
N GLY B 144 5.78 -23.94 -0.83
CA GLY B 144 6.63 -23.39 0.20
C GLY B 144 6.85 -21.89 0.03
N VAL B 145 6.53 -21.38 -1.16
CA VAL B 145 6.60 -19.93 -1.39
C VAL B 145 5.26 -19.30 -1.04
N MET B 146 5.23 -18.54 0.05
CA MET B 146 4.00 -17.90 0.54
C MET B 146 3.28 -17.16 -0.57
N CYS B 147 2.00 -17.46 -0.72
CA CYS B 147 1.16 -16.74 -1.67
C CYS B 147 0.21 -15.84 -0.90
N TYR B 148 0.35 -14.52 -1.11
CA TYR B 148 -0.49 -13.55 -0.44
C TYR B 148 -1.88 -13.44 -1.08
N ASP B 149 -2.02 -14.05 -2.26
CA ASP B 149 -3.28 -13.99 -3.00
C ASP B 149 -4.06 -15.29 -2.84
N ARG B 150 -5.15 -15.22 -2.10
CA ARG B 150 -5.92 -16.41 -1.73
C ARG B 150 -7.02 -16.71 -2.74
N ARG B 151 -7.10 -15.92 -3.79
CA ARG B 151 -8.02 -16.14 -4.89
C ARG B 151 -7.40 -17.08 -5.91
N THR B 152 -7.76 -18.36 -5.84
CA THR B 152 -7.05 -19.38 -6.62
C THR B 152 -7.16 -19.22 -8.14
N ASP B 153 -8.07 -18.36 -8.59
CA ASP B 153 -8.21 -18.09 -10.01
C ASP B 153 -7.35 -16.88 -10.42
N LYS B 154 -6.63 -16.33 -9.46
CA LYS B 154 -5.74 -15.20 -9.72
C LYS B 154 -4.33 -15.46 -9.22
N GLN B 155 -4.17 -15.59 -7.91
CA GLN B 155 -2.88 -15.89 -7.29
C GLN B 155 -1.78 -14.94 -7.78
N TYR B 156 -2.06 -13.64 -7.70
CA TYR B 156 -1.18 -12.62 -8.26
C TYR B 156 0.11 -12.42 -7.48
N TYR B 157 0.02 -12.49 -6.15
CA TYR B 157 1.11 -12.00 -5.31
C TYR B 157 1.78 -13.09 -4.49
N TYR B 158 3.07 -13.27 -4.70
CA TYR B 158 3.87 -14.20 -3.92
C TYR B 158 4.97 -13.46 -3.16
N ASP B 159 5.47 -14.06 -2.10
CA ASP B 159 6.56 -13.44 -1.34
C ASP B 159 7.84 -13.42 -2.16
N LEU B 160 8.40 -12.23 -2.35
CA LEU B 160 9.59 -12.05 -3.17
C LEU B 160 10.79 -12.82 -2.64
N ASP B 161 11.04 -12.69 -1.34
CA ASP B 161 12.20 -13.32 -0.71
C ASP B 161 12.15 -14.85 -0.83
N ARG B 162 10.99 -15.44 -0.57
CA ARG B 162 10.86 -16.88 -0.64
C ARG B 162 10.95 -17.38 -2.08
N PHE B 163 10.55 -16.55 -3.02
CA PHE B 163 10.66 -16.89 -4.44
C PHE B 163 12.12 -16.92 -4.90
N ILE B 164 12.90 -15.91 -4.50
CA ILE B 164 14.31 -15.87 -4.84
C ILE B 164 15.02 -17.03 -4.15
N TYR B 165 14.60 -17.33 -2.93
CA TYR B 165 15.15 -18.47 -2.18
C TYR B 165 14.88 -19.79 -2.89
N GLN B 166 13.68 -19.91 -3.46
CA GLN B 166 13.29 -21.13 -4.16
C GLN B 166 14.16 -21.37 -5.39
N ILE B 167 14.28 -20.37 -6.24
CA ILE B 167 14.97 -20.52 -7.52
C ILE B 167 16.48 -20.60 -7.36
N THR B 168 16.99 -20.13 -6.23
CA THR B 168 18.43 -20.22 -5.95
C THR B 168 18.74 -21.33 -4.98
N ALA B 169 17.70 -22.06 -4.56
CA ALA B 169 17.82 -23.13 -3.58
C ALA B 169 18.56 -22.64 -2.32
N GLY B 170 18.42 -21.36 -2.02
CA GLY B 170 19.07 -20.76 -0.88
C GLY B 170 20.59 -20.83 -0.91
N ASN B 171 21.19 -20.78 -2.09
CA ASN B 171 22.64 -20.88 -2.19
C ASN B 171 23.32 -19.55 -1.85
N GLY B 172 24.55 -19.40 -2.30
CA GLY B 172 25.33 -18.20 -2.02
C GLY B 172 24.80 -16.98 -2.73
N ASP B 173 24.14 -17.18 -3.87
CA ASP B 173 23.54 -16.08 -4.60
C ASP B 173 22.35 -15.53 -3.84
N TYR B 174 21.67 -16.39 -3.11
CA TYR B 174 20.55 -15.94 -2.28
C TYR B 174 21.06 -15.01 -1.19
N ASP B 175 22.13 -15.43 -0.50
CA ASP B 175 22.71 -14.65 0.59
C ASP B 175 23.11 -13.26 0.13
N SER B 176 23.69 -13.17 -1.06
CA SER B 176 24.07 -11.89 -1.64
C SER B 176 22.84 -11.04 -1.87
N TRP B 177 21.83 -11.64 -2.50
CA TRP B 177 20.57 -10.95 -2.76
C TRP B 177 19.88 -10.58 -1.46
N ARG B 178 19.92 -11.51 -0.50
CA ARG B 178 19.30 -11.31 0.81
C ARG B 178 19.87 -10.11 1.54
N GLU B 179 21.16 -9.84 1.32
CA GLU B 179 21.81 -8.68 1.91
C GLU B 179 21.15 -7.38 1.44
N ALA B 180 20.84 -7.33 0.15
CA ALA B 180 20.22 -6.15 -0.43
C ALA B 180 18.77 -6.02 -0.01
N PHE B 181 18.10 -7.16 0.16
CA PHE B 181 16.68 -7.16 0.53
C PHE B 181 16.49 -6.78 2.00
N ASP B 182 17.43 -7.18 2.85
CA ASP B 182 17.37 -6.87 4.26
C ASP B 182 17.28 -5.37 4.52
N LYS B 183 17.78 -4.58 3.59
CA LYS B 183 17.79 -3.13 3.72
C LYS B 183 16.46 -2.49 3.30
N VAL B 184 15.53 -3.31 2.82
CA VAL B 184 14.27 -2.79 2.28
C VAL B 184 13.14 -2.86 3.29
N MET B 185 12.83 -4.06 3.77
CA MET B 185 11.76 -4.23 4.75
C MET B 185 12.24 -3.89 6.15
N VAL B 186 11.85 -2.73 6.63
CA VAL B 186 12.25 -2.27 7.96
C VAL B 186 11.23 -2.68 9.02
N TYR B 187 10.05 -3.10 8.57
CA TYR B 187 9.01 -3.58 9.47
C TYR B 187 8.19 -4.66 8.79
N TRP B 188 7.92 -5.74 9.53
CA TRP B 188 7.03 -6.79 9.04
C TRP B 188 6.52 -7.62 10.21
N LYS B 189 5.24 -7.43 10.52
CA LYS B 189 4.60 -8.17 11.61
C LYS B 189 3.28 -8.73 11.11
N SER B 190 2.96 -9.94 11.55
CA SER B 190 1.71 -10.58 11.17
C SER B 190 1.22 -11.52 12.26
N THR B 191 -0.10 -11.57 12.42
CA THR B 191 -0.73 -12.60 13.22
C THR B 191 -0.45 -13.95 12.55
N PRO B 192 -0.52 -15.05 13.32
CA PRO B 192 -0.31 -16.38 12.73
C PRO B 192 -1.12 -16.60 11.47
N ARG B 193 -2.35 -16.07 11.45
CA ARG B 193 -3.18 -16.15 10.26
C ARG B 193 -3.84 -14.79 9.97
N ASN B 194 -4.26 -14.62 8.72
CA ASN B 194 -5.01 -13.44 8.30
C ASN B 194 -6.37 -13.87 7.74
N TYR B 195 -7.25 -12.91 7.54
CA TYR B 195 -8.55 -13.21 6.94
C TYR B 195 -8.61 -12.83 5.47
N SER B 196 -9.09 -13.77 4.66
CA SER B 196 -9.36 -13.50 3.24
C SER B 196 -10.86 -13.48 3.01
N ALA B 197 -11.35 -12.43 2.35
CA ALA B 197 -12.77 -12.32 2.03
C ALA B 197 -13.15 -13.31 0.91
N TYR B 198 -12.14 -13.99 0.38
CA TYR B 198 -12.36 -14.94 -0.70
C TYR B 198 -12.19 -16.39 -0.25
N ALA B 199 -11.24 -16.61 0.66
CA ALA B 199 -10.90 -17.97 1.09
C ALA B 199 -11.09 -18.20 2.59
N GLY B 200 -11.21 -17.13 3.36
CA GLY B 200 -11.36 -17.24 4.80
C GLY B 200 -10.04 -17.05 5.51
N MET B 201 -9.97 -17.55 6.75
CA MET B 201 -8.72 -17.50 7.49
C MET B 201 -7.68 -18.34 6.76
N PHE B 202 -6.49 -17.77 6.56
CA PHE B 202 -5.40 -18.49 5.93
C PHE B 202 -4.11 -18.26 6.68
N THR B 203 -3.22 -19.24 6.64
CA THR B 203 -1.95 -19.16 7.37
C THR B 203 -0.96 -18.22 6.69
N MET B 204 -0.34 -17.34 7.48
CA MET B 204 0.75 -16.52 7.02
C MET B 204 2.07 -17.21 7.36
N ASN B 205 2.76 -17.73 6.34
CA ASN B 205 4.02 -18.43 6.53
C ASN B 205 5.02 -17.61 7.34
N GLN B 206 5.68 -18.28 8.28
CA GLN B 206 6.55 -17.60 9.24
C GLN B 206 7.83 -17.08 8.59
N ASP B 207 8.15 -17.56 7.40
CA ASP B 207 9.36 -17.13 6.70
C ASP B 207 9.07 -16.07 5.63
N ALA B 208 7.81 -15.66 5.52
CA ALA B 208 7.45 -14.57 4.63
C ALA B 208 8.07 -13.28 5.15
N LYS B 209 8.39 -12.35 4.26
CA LYS B 209 9.09 -11.14 4.66
C LYS B 209 8.24 -9.88 4.45
N GLY B 210 7.09 -10.03 3.81
CA GLY B 210 6.11 -8.95 3.74
C GLY B 210 6.11 -8.08 2.51
N LEU B 211 6.87 -8.46 1.48
CA LEU B 211 6.88 -7.74 0.22
C LEU B 211 6.56 -8.70 -0.92
N SER B 212 5.52 -8.40 -1.67
CA SER B 212 5.06 -9.33 -2.70
C SER B 212 5.75 -9.11 -4.04
N THR B 213 5.65 -10.12 -4.90
CA THR B 213 6.13 -10.03 -6.26
C THR B 213 5.18 -10.78 -7.19
N TYR B 214 5.21 -10.45 -8.47
CA TYR B 214 4.46 -11.20 -9.45
C TYR B 214 5.30 -12.38 -9.94
N ILE B 215 4.64 -13.43 -10.40
CA ILE B 215 5.31 -14.55 -11.02
C ILE B 215 4.54 -14.97 -12.26
N PRO B 216 5.23 -15.01 -13.41
CA PRO B 216 4.62 -15.42 -14.68
C PRO B 216 4.02 -16.83 -14.61
N ARG B 217 2.99 -17.06 -15.41
CA ARG B 217 2.26 -18.32 -15.41
C ARG B 217 1.70 -18.57 -16.80
N MET B 218 1.72 -19.84 -17.22
CA MET B 218 1.24 -20.22 -18.55
C MET B 218 -0.22 -19.83 -18.77
N SER B 219 -1.00 -19.84 -17.69
CA SER B 219 -2.44 -19.63 -17.79
C SER B 219 -2.80 -18.18 -18.14
N ALA B 220 -1.92 -17.25 -17.84
CA ALA B 220 -2.24 -15.82 -17.98
C ALA B 220 -1.23 -15.07 -18.86
N PRO B 221 -1.22 -15.37 -20.17
CA PRO B 221 -0.28 -14.73 -21.10
C PRO B 221 -0.51 -13.22 -21.21
N SER B 222 -1.78 -12.82 -21.16
CA SER B 222 -2.13 -11.42 -21.23
C SER B 222 -1.59 -10.65 -20.02
N LEU B 223 -1.58 -11.30 -18.86
CA LEU B 223 -1.07 -10.67 -17.64
C LEU B 223 0.46 -10.67 -17.62
N ASN B 224 1.07 -11.70 -18.21
CA ASN B 224 2.51 -11.73 -18.38
C ASN B 224 2.96 -10.58 -19.28
N THR B 225 2.14 -10.29 -20.28
CA THR B 225 2.38 -9.18 -21.19
C THR B 225 2.24 -7.85 -20.46
N SER B 226 1.18 -7.73 -19.66
CA SER B 226 0.94 -6.52 -18.87
C SER B 226 2.08 -6.22 -17.92
N TYR B 227 2.70 -7.27 -17.39
CA TYR B 227 3.79 -7.12 -16.43
C TYR B 227 5.01 -6.47 -17.08
N GLN B 228 5.11 -6.59 -18.40
CA GLN B 228 6.21 -5.96 -19.12
C GLN B 228 6.08 -4.44 -19.16
N GLN B 229 4.97 -3.93 -18.65
CA GLN B 229 4.72 -2.50 -18.61
C GLN B 229 5.20 -1.87 -17.31
N THR B 230 5.38 -2.69 -16.28
CA THR B 230 5.86 -2.19 -15.00
C THR B 230 7.32 -1.77 -15.13
N GLU B 231 7.72 -0.75 -14.37
CA GLU B 231 9.09 -0.28 -14.39
CA GLU B 231 9.10 -0.28 -14.40
C GLU B 231 10.02 -1.26 -13.68
N TRP B 232 9.46 -2.00 -12.72
CA TRP B 232 10.24 -3.01 -12.00
C TRP B 232 10.69 -4.11 -12.96
N TYR B 233 9.80 -4.52 -13.85
CA TYR B 233 10.11 -5.53 -14.86
C TYR B 233 11.36 -5.14 -15.66
N LYS B 234 11.42 -3.89 -16.07
CA LYS B 234 12.51 -3.41 -16.92
C LYS B 234 13.87 -3.45 -16.24
N VAL B 235 13.89 -3.37 -14.91
CA VAL B 235 15.14 -3.28 -14.18
C VAL B 235 15.40 -4.50 -13.28
N SER B 236 14.43 -5.40 -13.17
CA SER B 236 14.56 -6.53 -12.25
C SER B 236 15.35 -7.68 -12.84
N GLY B 237 15.44 -7.73 -14.17
CA GLY B 237 16.13 -8.81 -14.85
C GLY B 237 15.17 -9.77 -15.53
N TRP B 238 13.88 -9.57 -15.31
CA TRP B 238 12.85 -10.42 -15.91
C TRP B 238 12.92 -10.44 -17.43
N ALA B 239 13.30 -9.31 -18.02
CA ALA B 239 13.40 -9.20 -19.48
C ALA B 239 14.44 -10.16 -20.04
N ASP B 240 15.42 -10.52 -19.22
CA ASP B 240 16.51 -11.39 -19.65
C ASP B 240 16.32 -12.84 -19.23
N THR B 241 15.15 -13.16 -18.65
CA THR B 241 14.85 -14.54 -18.31
C THR B 241 14.29 -15.28 -19.53
N GLY B 242 14.21 -16.60 -19.42
CA GLY B 242 13.67 -17.41 -20.50
C GLY B 242 12.19 -17.16 -20.75
N TRP B 243 11.53 -16.54 -19.78
CA TRP B 243 10.12 -16.21 -19.89
C TRP B 243 9.85 -15.08 -20.88
N TYR B 244 10.84 -14.21 -21.06
CA TYR B 244 10.63 -13.00 -21.85
C TYR B 244 11.67 -12.75 -22.94
N LYS B 245 12.86 -13.32 -22.80
CA LYS B 245 13.94 -13.08 -23.75
C LYS B 245 13.66 -13.74 -25.10
#